data_7BLH
#
_entry.id   7BLH
#
_cell.length_a   35.525
_cell.length_b   64.011
_cell.length_c   70.211
_cell.angle_alpha   90.000
_cell.angle_beta   90.000
_cell.angle_gamma   90.000
#
_symmetry.space_group_name_H-M   'P 21 21 21'
#
loop_
_entity.id
_entity.type
_entity.pdbx_description
1 polymer 'family 32 carbohydrate-binding module from Bacteroides thetaiotaomicron'
2 branched beta-D-galactopyranose-(1-3)-2-acetamido-2-deoxy-alpha-D-galactopyranose
3 non-polymer THREONINE
4 non-polymer 'CALCIUM ION'
5 water water
#
_entity_poly.entity_id   1
_entity_poly.type   'polypeptide(L)'
_entity_poly.pdbx_seq_one_letter_code
;MGSSHHHHHHSSGPQQGLRKGDIKIKIVSGTASSFQSGSNIEKSFDGDYSTLYHSSWSNGASNYFPITLTYNFETVTDVD
YLIYHPRNNGNNGRFKETEIQYSADGHTFTKLIDKDFQGSATAGKVTFDQTIQAKSFRFIVKSGSGDGQGFASCAEMEFF
AK
;
_entity_poly.pdbx_strand_id   AAAA
#
# COMPACT_ATOMS: atom_id res chain seq x y z
N GLY A 21 9.96 -9.84 -20.42
CA GLY A 21 9.31 -10.14 -19.16
C GLY A 21 8.45 -9.02 -18.62
N ASP A 22 8.10 -9.12 -17.34
CA ASP A 22 7.27 -8.11 -16.70
C ASP A 22 8.05 -6.81 -16.51
N ILE A 23 7.32 -5.70 -16.42
CA ILE A 23 7.92 -4.37 -16.33
C ILE A 23 7.39 -3.68 -15.09
N LYS A 24 8.31 -3.22 -14.24
CA LYS A 24 7.94 -2.51 -13.01
C LYS A 24 7.57 -1.07 -13.34
N ILE A 25 6.46 -0.60 -12.75
CA ILE A 25 6.02 0.79 -12.95
C ILE A 25 6.67 1.67 -11.89
N LYS A 26 7.14 2.85 -12.32
CA LYS A 26 7.83 3.77 -11.43
C LYS A 26 6.82 4.60 -10.63
N ILE A 27 6.89 4.50 -9.31
CA ILE A 27 6.11 5.36 -8.43
C ILE A 27 6.90 6.65 -8.21
N VAL A 28 6.30 7.78 -8.56
CA VAL A 28 6.99 9.06 -8.40
C VAL A 28 6.61 9.81 -7.12
N SER A 29 5.49 9.46 -6.49
CA SER A 29 5.03 10.20 -5.32
C SER A 29 3.93 9.40 -4.64
N GLY A 30 3.53 9.86 -3.47
CA GLY A 30 2.47 9.20 -2.75
C GLY A 30 2.04 10.03 -1.55
N THR A 31 1.01 9.55 -0.87
CA THR A 31 0.53 10.16 0.36
C THR A 31 0.08 9.06 1.33
N ALA A 32 0.10 9.41 2.61
CA ALA A 32 -0.43 8.55 3.66
C ALA A 32 -1.27 9.39 4.61
N SER A 33 -2.45 8.88 5.00
CA SER A 33 -3.32 9.57 5.96
C SER A 33 -2.76 9.56 7.37
N SER A 34 -1.82 8.66 7.63
CA SER A 34 -1.19 8.50 8.94
C SER A 34 0.26 8.10 8.70
N PHE A 35 1.20 8.77 9.38
CA PHE A 35 2.58 8.32 9.26
C PHE A 35 3.36 8.78 10.48
N GLN A 36 4.38 7.99 10.84
CA GLN A 36 5.32 8.39 11.88
C GLN A 36 6.45 9.19 11.23
N SER A 37 6.85 10.28 11.87
CA SER A 37 7.89 11.14 11.30
C SER A 37 9.13 10.33 10.94
N GLY A 38 9.57 10.45 9.68
CA GLY A 38 10.68 9.68 9.15
C GLY A 38 10.28 8.38 8.49
N SER A 39 9.01 7.97 8.62
CA SER A 39 8.49 6.75 8.03
C SER A 39 7.30 7.05 7.12
N ASN A 40 7.38 8.17 6.38
CA ASN A 40 6.32 8.55 5.47
C ASN A 40 6.28 7.61 4.26
N ILE A 41 5.24 7.80 3.43
CA ILE A 41 4.88 6.86 2.36
C ILE A 41 6.06 6.54 1.44
N GLU A 42 6.89 7.54 1.14
CA GLU A 42 7.93 7.36 0.13
C GLU A 42 8.99 6.36 0.57
N LYS A 43 9.02 5.99 1.85
CA LYS A 43 9.89 4.91 2.29
C LYS A 43 9.43 3.56 1.82
N SER A 44 8.21 3.43 1.31
CA SER A 44 7.75 2.17 0.73
C SER A 44 7.86 2.16 -0.78
N PHE A 45 8.58 3.12 -1.38
CA PHE A 45 8.96 2.97 -2.77
C PHE A 45 10.37 3.52 -3.02
N ASP A 46 11.31 3.21 -2.12
CA ASP A 46 12.70 3.61 -2.28
C ASP A 46 13.58 2.45 -2.71
N GLY A 47 12.97 1.31 -3.07
CA GLY A 47 13.70 0.12 -3.50
C GLY A 47 14.42 -0.62 -2.40
N ASP A 48 14.22 -0.20 -1.14
CA ASP A 48 14.91 -0.75 0.03
C ASP A 48 13.90 -1.55 0.85
N TYR A 49 14.16 -2.86 1.00
CA TYR A 49 13.21 -3.72 1.70
C TYR A 49 13.35 -3.67 3.21
N SER A 50 14.30 -2.90 3.73
CA SER A 50 14.41 -2.66 5.18
C SER A 50 13.78 -1.37 5.63
N THR A 51 13.78 -0.32 4.80
CA THR A 51 13.13 0.94 5.15
C THR A 51 11.61 0.80 5.04
N LEU A 52 10.89 1.42 5.97
CA LEU A 52 9.46 1.19 6.11
C LEU A 52 8.69 2.48 5.94
N TYR A 53 7.59 2.42 5.19
CA TYR A 53 6.47 3.30 5.53
C TYR A 53 5.87 2.76 6.82
N HIS A 54 5.51 3.66 7.75
CA HIS A 54 4.89 3.19 8.99
C HIS A 54 3.89 4.25 9.45
N SER A 55 2.68 3.80 9.75
CA SER A 55 1.65 4.69 10.27
C SER A 55 2.06 5.27 11.63
N SER A 56 1.35 6.29 12.08
CA SER A 56 1.72 6.94 13.33
C SER A 56 1.75 5.96 14.49
N TRP A 57 2.76 6.10 15.35
CA TRP A 57 2.87 5.23 16.52
C TRP A 57 1.76 5.51 17.55
N SER A 58 1.08 6.64 17.43
CA SER A 58 -0.05 6.97 18.30
C SER A 58 -1.31 6.30 17.75
N ASN A 59 -1.53 5.03 18.13
CA ASN A 59 -2.58 4.22 17.53
C ASN A 59 -3.72 3.92 18.51
N GLY A 60 -4.02 4.85 19.41
CA GLY A 60 -5.07 4.64 20.40
C GLY A 60 -6.45 5.14 20.01
N ALA A 61 -6.56 6.01 19.01
CA ALA A 61 -7.83 6.65 18.68
C ALA A 61 -8.83 5.65 18.10
N SER A 62 -10.11 5.86 18.42
CA SER A 62 -11.16 5.01 17.86
C SER A 62 -11.23 5.11 16.34
N ASN A 63 -10.88 6.27 15.77
CA ASN A 63 -10.87 6.46 14.33
C ASN A 63 -9.46 6.45 13.74
N TYR A 64 -8.52 5.76 14.39
CA TYR A 64 -7.17 5.59 13.84
C TYR A 64 -7.21 4.85 12.51
N PHE A 65 -7.90 3.69 12.46
CA PHE A 65 -8.21 3.03 11.21
C PHE A 65 -9.57 3.53 10.71
N PRO A 66 -9.82 3.55 9.39
CA PRO A 66 -8.91 3.10 8.34
C PRO A 66 -7.78 4.08 8.05
N ILE A 67 -6.72 3.54 7.46
CA ILE A 67 -5.56 4.31 7.05
C ILE A 67 -5.47 4.22 5.53
N THR A 68 -5.36 5.36 4.87
CA THR A 68 -5.46 5.46 3.41
C THR A 68 -4.12 5.83 2.80
N LEU A 69 -3.62 4.98 1.92
CA LEU A 69 -2.32 5.10 1.29
C LEU A 69 -2.52 5.25 -0.20
N THR A 70 -1.82 6.21 -0.81
CA THR A 70 -1.95 6.47 -2.23
C THR A 70 -0.58 6.49 -2.89
N TYR A 71 -0.46 5.80 -4.03
CA TYR A 71 0.77 5.73 -4.81
C TYR A 71 0.51 6.29 -6.21
N ASN A 72 1.37 7.21 -6.66
CA ASN A 72 1.17 7.90 -7.94
C ASN A 72 2.27 7.55 -8.94
N PHE A 73 1.85 7.33 -10.19
CA PHE A 73 2.77 7.22 -11.32
C PHE A 73 2.90 8.60 -12.00
N GLU A 74 3.88 8.71 -12.90
CA GLU A 74 4.03 9.95 -13.65
C GLU A 74 2.81 10.21 -14.53
N THR A 75 2.30 9.18 -15.19
CA THR A 75 1.16 9.31 -16.10
C THR A 75 0.29 8.07 -15.97
N VAL A 76 -0.90 8.12 -16.58
CA VAL A 76 -1.74 6.92 -16.62
C VAL A 76 -0.97 5.81 -17.32
N THR A 77 -1.12 4.59 -16.79
CA THR A 77 -0.26 3.48 -17.15
C THR A 77 -1.06 2.17 -17.09
N ASP A 78 -0.74 1.26 -17.99
CA ASP A 78 -1.28 -0.10 -17.92
C ASP A 78 -0.62 -0.85 -16.78
N VAL A 79 -1.44 -1.48 -15.92
CA VAL A 79 -0.96 -2.23 -14.78
C VAL A 79 -1.73 -3.55 -14.68
N ASP A 80 -1.01 -4.64 -14.44
CA ASP A 80 -1.58 -5.98 -14.37
C ASP A 80 -1.54 -6.62 -12.99
N TYR A 81 -0.58 -6.25 -12.14
CA TYR A 81 -0.57 -6.78 -10.79
C TYR A 81 0.28 -5.90 -9.88
N LEU A 82 0.16 -6.16 -8.59
CA LEU A 82 0.93 -5.44 -7.57
C LEU A 82 1.46 -6.45 -6.57
N ILE A 83 2.50 -6.06 -5.84
CA ILE A 83 3.00 -6.86 -4.72
C ILE A 83 3.20 -5.94 -3.51
N TYR A 84 2.52 -6.27 -2.42
CA TYR A 84 2.72 -5.66 -1.12
C TYR A 84 3.83 -6.41 -0.38
N HIS A 85 4.92 -5.69 -0.01
CA HIS A 85 5.96 -6.29 0.80
C HIS A 85 5.85 -5.79 2.24
N PRO A 86 5.46 -6.63 3.20
CA PRO A 86 5.46 -6.20 4.61
C PRO A 86 6.88 -6.14 5.15
N ARG A 87 7.02 -5.53 6.33
CA ARG A 87 8.30 -5.58 7.04
C ARG A 87 8.72 -7.04 7.22
N ASN A 88 10.01 -7.32 7.04
CA ASN A 88 10.46 -8.71 7.11
C ASN A 88 10.95 -9.09 8.50
N ASN A 89 10.87 -8.17 9.46
CA ASN A 89 11.01 -8.51 10.86
C ASN A 89 10.09 -7.59 11.64
N GLY A 90 9.60 -8.08 12.77
CA GLY A 90 8.57 -7.39 13.52
C GLY A 90 7.18 -7.62 12.94
N ASN A 91 6.18 -7.41 13.78
CA ASN A 91 4.81 -7.69 13.38
C ASN A 91 3.92 -6.46 13.32
N ASN A 92 4.44 -5.27 13.63
CA ASN A 92 3.57 -4.09 13.70
C ASN A 92 3.32 -3.58 12.30
N GLY A 93 2.06 -3.68 11.85
CA GLY A 93 1.63 -3.03 10.63
C GLY A 93 1.42 -3.93 9.43
N ARG A 94 1.57 -5.24 9.56
CA ARG A 94 1.31 -6.12 8.42
C ARG A 94 -0.15 -5.99 8.03
N PHE A 95 -0.41 -5.69 6.76
CA PHE A 95 -1.77 -5.47 6.30
C PHE A 95 -2.65 -6.68 6.62
N LYS A 96 -3.86 -6.40 7.09
CA LYS A 96 -4.94 -7.38 7.14
C LYS A 96 -5.97 -7.00 6.08
N GLU A 97 -7.19 -6.61 6.46
CA GLU A 97 -8.22 -6.33 5.46
C GLU A 97 -8.02 -4.97 4.82
N THR A 98 -8.04 -4.94 3.48
CA THR A 98 -7.92 -3.69 2.73
C THR A 98 -8.95 -3.65 1.61
N GLU A 99 -9.28 -2.42 1.20
CA GLU A 99 -9.91 -2.12 -0.08
C GLU A 99 -8.87 -1.51 -1.01
N ILE A 100 -8.73 -2.06 -2.20
CA ILE A 100 -7.83 -1.50 -3.21
C ILE A 100 -8.64 -0.72 -4.21
N GLN A 101 -8.18 0.50 -4.49
CA GLN A 101 -8.80 1.42 -5.42
C GLN A 101 -7.74 1.87 -6.41
N TYR A 102 -8.19 2.49 -7.49
CA TYR A 102 -7.27 3.13 -8.44
C TYR A 102 -7.96 4.30 -9.10
N SER A 103 -7.15 5.10 -9.80
CA SER A 103 -7.62 6.32 -10.44
C SER A 103 -6.93 6.48 -11.77
N ALA A 104 -7.71 6.81 -12.81
CA ALA A 104 -7.13 7.05 -14.13
C ALA A 104 -6.46 8.41 -14.22
N ASP A 105 -6.94 9.39 -13.45
CA ASP A 105 -6.42 10.75 -13.54
C ASP A 105 -5.75 11.26 -12.27
N GLY A 106 -5.69 10.45 -11.21
CA GLY A 106 -5.13 10.85 -9.94
C GLY A 106 -6.10 11.58 -9.03
N HIS A 107 -7.32 11.84 -9.49
CA HIS A 107 -8.29 12.63 -8.73
C HIS A 107 -9.52 11.82 -8.34
N THR A 108 -10.10 11.09 -9.29
CA THR A 108 -11.31 10.31 -9.09
C THR A 108 -10.96 8.83 -8.96
N PHE A 109 -11.40 8.20 -7.87
CA PHE A 109 -10.96 6.84 -7.56
C PHE A 109 -12.10 5.84 -7.70
N THR A 110 -11.73 4.61 -8.07
CA THR A 110 -12.66 3.54 -8.34
C THR A 110 -12.26 2.32 -7.53
N LYS A 111 -13.24 1.63 -6.94
CA LYS A 111 -12.94 0.39 -6.24
C LYS A 111 -12.50 -0.67 -7.25
N LEU A 112 -11.36 -1.29 -6.95
CA LEU A 112 -10.90 -2.46 -7.70
C LEU A 112 -11.42 -3.74 -7.04
N ILE A 113 -10.94 -4.02 -5.84
CA ILE A 113 -11.21 -5.30 -5.18
C ILE A 113 -10.95 -5.14 -3.70
N ASP A 114 -11.68 -5.91 -2.88
CA ASP A 114 -11.29 -6.09 -1.49
C ASP A 114 -10.20 -7.15 -1.43
N LYS A 115 -9.15 -6.88 -0.66
CA LYS A 115 -8.05 -7.83 -0.50
C LYS A 115 -7.67 -7.96 0.96
N ASP A 116 -7.71 -9.19 1.46
CA ASP A 116 -7.30 -9.52 2.82
C ASP A 116 -5.87 -10.06 2.76
N PHE A 117 -4.91 -9.24 3.19
CA PHE A 117 -3.52 -9.68 3.26
C PHE A 117 -3.25 -10.56 4.48
N GLN A 118 -4.24 -10.78 5.33
CA GLN A 118 -4.25 -11.78 6.39
C GLN A 118 -3.23 -11.53 7.49
N GLY A 119 -2.64 -10.33 7.55
CA GLY A 119 -1.55 -10.15 8.50
C GLY A 119 -0.36 -11.01 8.19
N SER A 120 -0.23 -11.47 6.94
CA SER A 120 0.88 -12.33 6.56
C SER A 120 2.22 -11.67 6.78
N ALA A 121 3.22 -12.46 7.15
CA ALA A 121 4.57 -11.96 7.28
C ALA A 121 5.34 -11.96 5.97
N THR A 122 4.75 -12.43 4.87
CA THR A 122 5.44 -12.45 3.58
C THR A 122 4.64 -11.68 2.54
N ALA A 123 5.27 -11.48 1.38
CA ALA A 123 4.70 -10.61 0.35
C ALA A 123 3.36 -11.13 -0.14
N GLY A 124 2.46 -10.20 -0.43
CA GLY A 124 1.17 -10.54 -0.99
C GLY A 124 0.96 -9.97 -2.38
N LYS A 125 0.83 -10.86 -3.37
CA LYS A 125 0.61 -10.47 -4.76
C LYS A 125 -0.87 -10.41 -5.09
N VAL A 126 -1.30 -9.33 -5.72
CA VAL A 126 -2.67 -9.22 -6.20
C VAL A 126 -2.63 -9.13 -7.72
N THR A 127 -3.22 -10.12 -8.39
CA THR A 127 -3.29 -10.13 -9.84
C THR A 127 -4.67 -9.69 -10.29
N PHE A 128 -4.71 -8.65 -11.13
CA PHE A 128 -5.98 -8.10 -11.57
C PHE A 128 -6.59 -8.99 -12.63
N ASP A 129 -7.93 -9.04 -12.65
CA ASP A 129 -8.64 -9.84 -13.66
C ASP A 129 -8.35 -9.33 -15.07
N GLN A 130 -8.33 -8.01 -15.26
CA GLN A 130 -7.90 -7.44 -16.52
C GLN A 130 -6.91 -6.33 -16.25
N THR A 131 -6.14 -5.99 -17.27
CA THR A 131 -5.26 -4.84 -17.20
C THR A 131 -6.04 -3.59 -16.82
N ILE A 132 -5.46 -2.80 -15.92
CA ILE A 132 -6.02 -1.54 -15.43
C ILE A 132 -5.22 -0.37 -16.00
N GLN A 133 -5.92 0.74 -16.28
CA GLN A 133 -5.30 1.99 -16.71
C GLN A 133 -5.36 2.95 -15.52
N ALA A 134 -4.25 3.10 -14.82
CA ALA A 134 -4.22 3.84 -13.57
C ALA A 134 -3.07 4.84 -13.56
N LYS A 135 -3.35 6.06 -13.11
CA LYS A 135 -2.28 6.95 -12.69
C LYS A 135 -1.96 6.82 -11.21
N SER A 136 -2.90 6.31 -10.42
CA SER A 136 -2.72 6.20 -8.98
C SER A 136 -3.39 4.92 -8.51
N PHE A 137 -2.81 4.31 -7.47
CA PHE A 137 -3.44 3.23 -6.71
C PHE A 137 -3.64 3.68 -5.27
N ARG A 138 -4.68 3.16 -4.64
CA ARG A 138 -5.03 3.57 -3.28
C ARG A 138 -5.40 2.35 -2.46
N PHE A 139 -4.90 2.32 -1.23
CA PHE A 139 -5.20 1.25 -0.27
C PHE A 139 -5.97 1.86 0.89
N ILE A 140 -7.20 1.41 1.11
CA ILE A 140 -7.94 1.73 2.33
C ILE A 140 -7.66 0.57 3.30
N VAL A 141 -6.72 0.78 4.22
CA VAL A 141 -6.34 -0.30 5.13
C VAL A 141 -7.31 -0.30 6.31
N LYS A 142 -8.20 -1.29 6.35
CA LYS A 142 -9.19 -1.40 7.43
C LYS A 142 -8.57 -1.94 8.72
N SER A 143 -7.54 -2.78 8.60
CA SER A 143 -6.97 -3.42 9.77
C SER A 143 -5.56 -3.86 9.44
N GLY A 144 -4.73 -3.93 10.48
CA GLY A 144 -3.35 -4.38 10.35
C GLY A 144 -2.88 -4.98 11.66
N SER A 145 -1.87 -5.82 11.59
CA SER A 145 -1.39 -6.51 12.78
C SER A 145 -0.67 -5.53 13.71
N GLY A 146 -0.44 -5.99 14.96
CA GLY A 146 0.51 -5.33 15.83
C GLY A 146 -0.07 -4.99 17.19
N ASP A 147 0.71 -4.22 17.95
CA ASP A 147 0.34 -3.85 19.30
C ASP A 147 -0.98 -3.09 19.34
N GLY A 148 -1.75 -3.32 20.39
CA GLY A 148 -3.01 -2.59 20.54
C GLY A 148 -3.96 -2.97 19.43
N GLN A 149 -4.58 -1.97 18.79
CA GLN A 149 -5.47 -2.33 17.69
C GLN A 149 -4.72 -2.55 16.39
N GLY A 150 -3.40 -2.41 16.39
CA GLY A 150 -2.58 -2.64 15.21
C GLY A 150 -2.10 -1.35 14.57
N PHE A 151 -1.34 -1.52 13.48
CA PHE A 151 -0.73 -0.44 12.72
C PHE A 151 -0.85 -0.74 11.24
N ALA A 152 -0.32 0.15 10.41
CA ALA A 152 -0.13 -0.15 9.00
C ALA A 152 1.31 0.20 8.64
N SER A 153 2.02 -0.75 8.03
CA SER A 153 3.39 -0.51 7.61
C SER A 153 3.64 -1.26 6.32
N CYS A 154 4.71 -0.87 5.63
CA CYS A 154 5.00 -1.46 4.33
C CYS A 154 6.47 -1.22 4.02
N ALA A 155 7.20 -2.30 3.73
CA ALA A 155 8.59 -2.17 3.33
C ALA A 155 8.71 -1.62 1.91
N GLU A 156 7.98 -2.23 0.96
CA GLU A 156 7.95 -1.79 -0.43
C GLU A 156 6.58 -2.14 -1.01
N MET A 157 6.07 -1.28 -1.88
CA MET A 157 4.86 -1.55 -2.67
C MET A 157 5.26 -1.53 -4.15
N GLU A 158 4.90 -2.57 -4.90
CA GLU A 158 5.34 -2.64 -6.29
C GLU A 158 4.16 -2.82 -7.22
N PHE A 159 4.31 -2.33 -8.46
CA PHE A 159 3.27 -2.43 -9.49
C PHE A 159 3.91 -2.88 -10.78
N PHE A 160 3.24 -3.79 -11.51
CA PHE A 160 3.84 -4.38 -12.69
C PHE A 160 2.84 -4.46 -13.83
N ALA A 161 3.36 -4.44 -15.06
CA ALA A 161 2.58 -4.80 -16.25
C ALA A 161 3.22 -6.01 -16.91
N LYS A 162 2.37 -6.86 -17.49
CA LYS A 162 2.77 -8.16 -18.05
C LYS A 162 3.22 -8.01 -19.49
#